data_4J5J
#
_entry.id   4J5J
#
_cell.length_a   28.717
_cell.length_b   65.798
_cell.length_c   93.560
_cell.angle_alpha   90.00
_cell.angle_beta   90.00
_cell.angle_gamma   90.00
#
_symmetry.space_group_name_H-M   'P 21 21 21'
#
loop_
_entity.id
_entity.type
_entity.pdbx_description
1 polymer Protease
2 non-polymer 'CHLORIDE ION'
3 non-polymer '{3-[(4-AMINO-BENZENESULFONYL)-ISOBUTYL-AMINO]-1-BENZYL-2-HYDROXY-PROPYL}-CARBAMIC ACID TETRAHYDRO-FURAN-3-YL ESTER'
4 water water
#
_entity_poly.entity_id   1
_entity_poly.type   'polypeptide(L)'
_entity_poly.pdbx_seq_one_letter_code
;PQITLWKRPFVTVKVGGQLKEALLDTGADNTIFEDINLPGRWKPKMVGGIGGFLKVREYDQVPIEIAGHKVIGTVLVGPT
PVNVIGRDTMTQIGATLNF
;
_entity_poly.pdbx_strand_id   A,B
#
loop_
_chem_comp.id
_chem_comp.type
_chem_comp.name
_chem_comp.formula
478 non-polymer '{3-[(4-AMINO-BENZENESULFONYL)-ISOBUTYL-AMINO]-1-BENZYL-2-HYDROXY-PROPYL}-CARBAMIC ACID TETRAHYDRO-FURAN-3-YL ESTER' 'C25 H35 N3 O6 S'
CL non-polymer 'CHLORIDE ION' 'Cl -1'
#
# COMPACT_ATOMS: atom_id res chain seq x y z
N PRO A 1 -12.74 -2.38 13.36
CA PRO A 1 -12.56 -3.78 12.94
C PRO A 1 -11.11 -4.19 13.12
N GLN A 2 -10.81 -5.48 13.13
CA GLN A 2 -9.42 -5.94 12.97
C GLN A 2 -9.42 -6.84 11.74
N ILE A 3 -8.73 -6.44 10.69
CA ILE A 3 -8.81 -7.26 9.48
C ILE A 3 -7.52 -7.85 9.08
N THR A 4 -7.62 -9.08 8.64
CA THR A 4 -6.44 -9.80 8.13
C THR A 4 -6.29 -9.38 6.70
N LEU A 5 -5.23 -9.86 6.07
CA LEU A 5 -4.83 -9.41 4.74
C LEU A 5 -4.80 -10.51 3.69
N TRP A 6 -5.56 -11.57 3.90
CA TRP A 6 -5.67 -12.60 2.82
C TRP A 6 -6.36 -12.10 1.55
N LYS A 7 -7.27 -11.15 1.68
CA LYS A 7 -7.79 -10.51 0.50
C LYS A 7 -7.38 -9.04 0.58
N ARG A 8 -7.49 -8.35 -0.54
CA ARG A 8 -7.25 -6.88 -0.53
C ARG A 8 -8.15 -6.21 0.50
N PRO A 9 -7.56 -5.32 1.36
CA PRO A 9 -8.39 -4.67 2.43
C PRO A 9 -9.17 -3.46 1.90
N PHE A 10 -10.19 -3.75 1.09
CA PHE A 10 -11.21 -2.74 0.77
C PHE A 10 -12.11 -2.39 1.96
N VAL A 11 -12.44 -1.11 2.04
CA VAL A 11 -13.52 -0.66 2.97
C VAL A 11 -14.48 0.19 2.21
N THR A 12 -15.68 0.24 2.78
CA THR A 12 -16.67 1.20 2.35
C THR A 12 -16.23 2.56 2.85
N VAL A 13 -16.36 3.54 1.97
CA VAL A 13 -15.93 4.89 2.30
C VAL A 13 -16.95 5.86 1.70
N LYS A 14 -17.40 6.78 2.53
CA LYS A 14 -18.25 7.82 2.03
C LYS A 14 -17.35 9.03 1.86
N VAL A 15 -17.29 9.54 0.63
CA VAL A 15 -16.33 10.60 0.30
C VAL A 15 -17.15 11.64 -0.41
N GLY A 16 -17.14 12.85 0.14
CA GLY A 16 -18.04 13.90 -0.31
C GLY A 16 -19.48 13.39 -0.31
N GLY A 17 -19.84 12.64 0.74
CA GLY A 17 -21.16 11.99 0.81
C GLY A 17 -21.57 10.98 -0.28
N GLN A 18 -20.62 10.60 -1.17
CA GLN A 18 -20.86 9.58 -2.22
C GLN A 18 -20.31 8.22 -1.73
N LEU A 19 -21.03 7.13 -1.97
CA LEU A 19 -20.59 5.83 -1.48
C LEU A 19 -19.63 5.12 -2.40
N LYS A 20 -18.41 4.84 -1.91
CA LYS A 20 -17.39 4.24 -2.76
C LYS A 20 -16.66 3.13 -2.00
N GLU A 21 -15.66 2.55 -2.64
CA GLU A 21 -14.86 1.54 -2.00
C GLU A 21 -13.41 1.90 -2.25
N ALA A 22 -12.52 1.60 -1.28
CA ALA A 22 -11.07 1.85 -1.51
C ALA A 22 -10.20 0.96 -0.65
N LEU A 23 -8.97 0.79 -1.08
CA LEU A 23 -8.08 -0.19 -0.46
C LEU A 23 -7.30 0.54 0.66
N LEU A 24 -7.32 0.05 1.90
CA LEU A 24 -6.47 0.62 3.02
C LEU A 24 -5.01 0.27 2.71
N ASP A 25 -4.20 1.30 2.39
CA ASP A 25 -2.92 1.09 1.71
C ASP A 25 -1.80 1.74 2.57
N THR A 26 -1.15 0.99 3.44
CA THR A 26 -0.15 1.60 4.32
C THR A 26 1.07 2.07 3.52
N GLY A 27 1.26 1.58 2.30
CA GLY A 27 2.35 2.06 1.40
C GLY A 27 2.02 3.34 0.61
N ALA A 28 0.82 3.89 0.78
CA ALA A 28 0.36 5.10 0.08
C ALA A 28 0.42 6.26 1.03
N ASP A 29 1.07 7.34 0.63
CA ASP A 29 1.12 8.50 1.49
C ASP A 29 -0.21 9.25 1.39
N ASN A 30 -0.86 9.18 0.23
CA ASN A 30 -2.00 10.04 -0.11
C ASN A 30 -3.24 9.19 -0.40
N THR A 31 -4.41 9.80 -0.43
CA THR A 31 -5.67 9.07 -0.68
C THR A 31 -6.10 9.50 -2.08
N ILE A 32 -6.44 8.56 -2.93
CA ILE A 32 -6.65 8.86 -4.36
C ILE A 32 -7.80 8.01 -4.89
N PHE A 33 -8.71 8.66 -5.63
CA PHE A 33 -9.88 8.01 -6.25
C PHE A 33 -9.84 8.26 -7.76
N GLU A 34 -10.39 7.38 -8.58
CA GLU A 34 -10.34 7.59 -10.03
C GLU A 34 -11.42 8.55 -10.66
N ASP A 35 -12.65 8.41 -10.23
CA ASP A 35 -13.74 9.13 -10.90
C ASP A 35 -14.88 9.40 -9.94
N ILE A 36 -14.55 9.94 -8.79
CA ILE A 36 -15.55 10.53 -7.95
C ILE A 36 -15.62 11.94 -8.47
N ASN A 37 -16.79 12.51 -8.39
CA ASN A 37 -16.94 13.82 -8.93
C ASN A 37 -17.11 14.70 -7.71
N LEU A 38 -16.07 15.46 -7.43
CA LEU A 38 -16.08 16.37 -6.33
C LEU A 38 -16.31 17.73 -6.89
N PRO A 39 -17.08 18.53 -6.14
CA PRO A 39 -17.45 19.81 -6.71
C PRO A 39 -16.29 20.76 -6.58
N GLY A 40 -16.16 21.64 -7.57
CA GLY A 40 -15.29 22.80 -7.48
C GLY A 40 -14.03 22.87 -8.33
N ARG A 41 -13.17 23.81 -7.96
CA ARG A 41 -11.85 23.87 -8.54
C ARG A 41 -10.89 23.00 -7.70
N TRP A 42 -9.76 22.69 -8.31
CA TRP A 42 -8.82 21.77 -7.74
C TRP A 42 -7.45 22.23 -8.16
N LYS A 43 -6.45 21.75 -7.45
CA LYS A 43 -5.06 22.15 -7.60
C LYS A 43 -4.33 21.01 -8.32
N PRO A 44 -3.40 21.37 -9.22
CA PRO A 44 -2.66 20.27 -9.84
C PRO A 44 -1.70 19.70 -8.82
N LYS A 45 -1.50 18.38 -8.85
CA LYS A 45 -0.63 17.72 -7.90
C LYS A 45 0.03 16.54 -8.63
N MET A 46 1.24 16.14 -8.21
CA MET A 46 1.94 14.96 -8.77
C MET A 46 2.04 13.85 -7.71
N VAL A 47 1.83 12.61 -8.10
CA VAL A 47 2.07 11.49 -7.19
C VAL A 47 2.89 10.47 -7.93
N GLY A 48 3.63 9.69 -7.15
CA GLY A 48 4.60 8.76 -7.64
C GLY A 48 4.19 7.37 -7.20
N GLY A 49 4.36 6.41 -8.09
CA GLY A 49 4.07 5.04 -7.74
C GLY A 49 5.09 4.12 -8.36
N ILE A 50 4.77 2.84 -8.40
CA ILE A 50 5.73 1.85 -8.81
C ILE A 50 6.25 2.10 -10.24
N GLY A 51 5.35 2.59 -11.10
CA GLY A 51 5.62 2.84 -12.54
C GLY A 51 6.09 4.21 -13.02
N GLY A 52 6.02 5.20 -12.16
CA GLY A 52 6.27 6.56 -12.65
C GLY A 52 5.39 7.51 -11.88
N PHE A 53 5.16 8.67 -12.47
CA PHE A 53 4.50 9.81 -11.83
C PHE A 53 3.28 10.23 -12.65
N LEU A 54 2.18 10.43 -11.94
CA LEU A 54 0.91 10.87 -12.54
C LEU A 54 0.52 12.29 -12.11
N LYS A 55 -0.14 13.03 -12.99
CA LYS A 55 -0.73 14.34 -12.65
C LYS A 55 -2.13 14.05 -12.13
N VAL A 56 -2.47 14.55 -10.92
CA VAL A 56 -3.77 14.30 -10.35
C VAL A 56 -4.39 15.64 -9.97
N ARG A 57 -5.65 15.60 -9.58
CA ARG A 57 -6.39 16.77 -9.11
CA ARG A 57 -6.39 16.77 -9.13
C ARG A 57 -6.46 16.71 -7.61
N GLU A 58 -6.03 17.76 -6.95
CA GLU A 58 -6.14 17.77 -5.52
C GLU A 58 -7.38 18.60 -5.12
N TYR A 59 -8.31 17.95 -4.42
CA TYR A 59 -9.47 18.60 -3.78
C TYR A 59 -9.25 18.69 -2.25
N ASP A 60 -9.36 19.88 -1.73
CA ASP A 60 -9.06 20.10 -0.29
C ASP A 60 -10.33 20.11 0.57
N GLN A 61 -10.15 19.79 1.85
CA GLN A 61 -11.15 19.73 2.90
C GLN A 61 -12.40 18.95 2.50
N VAL A 62 -12.21 17.68 2.13
CA VAL A 62 -13.32 16.85 1.68
C VAL A 62 -13.74 15.97 2.82
N PRO A 63 -15.03 15.92 3.12
CA PRO A 63 -15.45 14.97 4.16
C PRO A 63 -15.38 13.49 3.70
N ILE A 64 -14.85 12.64 4.57
CA ILE A 64 -14.60 11.20 4.36
C ILE A 64 -15.07 10.48 5.62
N GLU A 65 -15.85 9.42 5.46
CA GLU A 65 -16.19 8.56 6.60
C GLU A 65 -15.82 7.11 6.31
N ILE A 66 -15.16 6.46 7.27
CA ILE A 66 -14.80 5.04 7.26
C ILE A 66 -15.12 4.40 8.61
N ALA A 67 -15.86 3.29 8.63
CA ALA A 67 -16.06 2.57 9.90
C ALA A 67 -16.63 3.48 11.00
N GLY A 68 -17.50 4.43 10.64
CA GLY A 68 -18.17 5.27 11.65
C GLY A 68 -17.33 6.49 12.00
N HIS A 69 -16.11 6.57 11.45
CA HIS A 69 -15.23 7.74 11.62
C HIS A 69 -15.40 8.82 10.55
N LYS A 70 -15.76 10.03 10.97
CA LYS A 70 -16.03 11.10 10.03
C LYS A 70 -14.86 12.07 10.08
N VAL A 71 -14.09 12.15 8.98
CA VAL A 71 -12.86 12.95 8.91
C VAL A 71 -13.00 13.99 7.79
N ILE A 72 -12.20 15.08 7.88
CA ILE A 72 -12.07 16.07 6.80
CA ILE A 72 -12.08 16.04 6.79
C ILE A 72 -10.64 15.95 6.28
N GLY A 73 -10.50 15.62 4.99
CA GLY A 73 -9.13 15.49 4.46
C GLY A 73 -8.88 15.92 3.04
N THR A 74 -7.72 15.53 2.51
CA THR A 74 -7.35 15.84 1.15
C THR A 74 -7.60 14.61 0.33
N VAL A 75 -8.28 14.79 -0.77
CA VAL A 75 -8.54 13.66 -1.64
C VAL A 75 -8.02 14.01 -3.04
N LEU A 76 -7.15 13.15 -3.60
CA LEU A 76 -6.71 13.26 -4.98
C LEU A 76 -7.66 12.49 -5.86
N VAL A 77 -7.86 12.97 -7.09
CA VAL A 77 -8.55 12.23 -8.15
C VAL A 77 -7.59 12.11 -9.33
N GLY A 78 -7.35 10.90 -9.80
CA GLY A 78 -6.37 10.72 -10.88
C GLY A 78 -6.44 9.31 -11.45
N PRO A 79 -5.62 9.01 -12.47
CA PRO A 79 -5.66 7.69 -13.06
C PRO A 79 -4.98 6.61 -12.22
N THR A 80 -5.45 6.43 -11.00
CA THR A 80 -5.03 5.26 -10.21
C THR A 80 -5.72 3.99 -10.65
N PRO A 81 -5.01 2.86 -10.74
CA PRO A 81 -5.77 1.64 -11.14
C PRO A 81 -6.75 1.13 -10.05
N VAL A 82 -6.59 1.56 -8.82
CA VAL A 82 -7.47 1.13 -7.74
C VAL A 82 -7.61 2.33 -6.79
N ASN A 83 -8.80 2.52 -6.19
CA ASN A 83 -8.98 3.64 -5.18
C ASN A 83 -8.23 3.27 -3.92
N VAL A 84 -7.45 4.20 -3.38
CA VAL A 84 -6.69 3.88 -2.16
C VAL A 84 -6.89 4.92 -1.05
N ILE A 85 -6.97 4.40 0.17
CA ILE A 85 -6.98 5.20 1.40
CA ILE A 85 -6.96 5.22 1.38
C ILE A 85 -5.52 5.17 1.91
N GLY A 86 -4.88 6.34 1.95
CA GLY A 86 -3.46 6.40 2.31
C GLY A 86 -3.26 6.75 3.76
N ARG A 87 -1.99 6.92 4.10
CA ARG A 87 -1.63 7.09 5.54
C ARG A 87 -2.21 8.41 6.08
N ASP A 88 -2.34 9.42 5.20
CA ASP A 88 -2.94 10.73 5.61
C ASP A 88 -4.30 10.45 6.27
N THR A 89 -5.18 9.76 5.56
CA THR A 89 -6.52 9.51 6.10
C THR A 89 -6.49 8.47 7.20
N MET A 90 -5.67 7.42 7.03
CA MET A 90 -5.66 6.41 8.05
C MET A 90 -5.22 6.92 9.40
N THR A 91 -4.33 7.91 9.46
CA THR A 91 -3.92 8.41 10.80
C THR A 91 -5.07 9.16 11.42
N GLN A 92 -5.89 9.79 10.59
CA GLN A 92 -7.08 10.53 11.10
C GLN A 92 -8.12 9.62 11.75
N ILE A 93 -8.19 8.34 11.31
CA ILE A 93 -9.18 7.43 11.90
C ILE A 93 -8.60 6.52 12.98
N GLY A 94 -7.33 6.70 13.27
CA GLY A 94 -6.62 6.03 14.33
C GLY A 94 -6.23 4.61 13.91
N ALA A 95 -6.13 4.37 12.59
CA ALA A 95 -5.71 3.06 12.08
C ALA A 95 -4.27 2.69 12.40
N THR A 96 -4.07 1.45 12.86
CA THR A 96 -2.74 0.91 13.12
C THR A 96 -2.48 -0.45 12.39
N LEU A 97 -1.22 -0.73 12.10
CA LEU A 97 -0.80 -2.06 11.62
C LEU A 97 -0.22 -2.82 12.84
N ASN A 98 -0.62 -4.08 13.00
CA ASN A 98 -0.30 -4.85 14.17
C ASN A 98 0.21 -6.22 13.80
N PHE A 99 1.18 -6.70 14.56
CA PHE A 99 1.56 -8.12 14.42
C PHE A 99 2.44 -8.46 15.61
N PRO B 1 4.25 -5.66 17.60
CA PRO B 1 4.13 -4.18 17.77
C PRO B 1 2.82 -3.72 17.18
N GLN B 2 2.42 -2.53 17.63
CA GLN B 2 1.31 -1.80 17.11
C GLN B 2 1.97 -0.58 16.44
N ILE B 3 1.81 -0.41 15.11
CA ILE B 3 2.57 0.58 14.34
C ILE B 3 1.54 1.66 13.97
N THR B 4 1.78 2.93 14.38
CA THR B 4 0.92 3.99 13.90
C THR B 4 1.48 4.42 12.51
N LEU B 5 0.75 5.29 11.83
CA LEU B 5 1.09 5.49 10.40
C LEU B 5 1.44 6.92 10.10
N TRP B 6 2.03 7.62 11.09
CA TRP B 6 2.37 9.04 10.96
C TRP B 6 3.61 9.14 10.08
N LYS B 7 4.41 8.08 10.07
CA LYS B 7 5.51 7.98 9.12
C LYS B 7 5.41 6.72 8.33
N ARG B 8 6.22 6.62 7.28
CA ARG B 8 6.23 5.36 6.50
C ARG B 8 6.63 4.15 7.41
N PRO B 9 5.85 3.03 7.38
CA PRO B 9 6.13 1.85 8.30
C PRO B 9 7.19 0.93 7.68
N PHE B 10 8.44 1.30 7.84
CA PHE B 10 9.56 0.45 7.51
C PHE B 10 9.84 -0.59 8.62
N VAL B 11 10.37 -1.72 8.18
CA VAL B 11 10.90 -2.76 9.09
C VAL B 11 12.16 -3.28 8.53
N THR B 12 13.01 -3.88 9.37
CA THR B 12 14.22 -4.48 8.89
C THR B 12 13.84 -5.95 8.64
N VAL B 13 14.25 -6.54 7.54
CA VAL B 13 14.00 -7.99 7.33
C VAL B 13 15.31 -8.60 6.90
N LYS B 14 15.47 -9.91 7.05
CA LYS B 14 16.65 -10.56 6.47
C LYS B 14 16.19 -11.32 5.25
N VAL B 15 16.89 -11.14 4.15
CA VAL B 15 16.56 -11.89 2.93
C VAL B 15 17.85 -12.09 2.15
N GLY B 16 18.06 -13.30 1.64
CA GLY B 16 19.30 -13.66 0.97
C GLY B 16 20.44 -13.46 1.94
N GLY B 17 20.22 -13.69 3.25
CA GLY B 17 21.32 -13.57 4.22
C GLY B 17 21.70 -12.12 4.51
N GLN B 18 20.90 -11.17 4.02
CA GLN B 18 21.22 -9.75 4.17
C GLN B 18 20.13 -8.99 4.91
N LEU B 19 20.54 -7.98 5.69
CA LEU B 19 19.57 -7.10 6.35
C LEU B 19 19.11 -6.06 5.33
N LYS B 20 17.79 -5.94 5.11
CA LYS B 20 17.20 -4.98 4.19
C LYS B 20 16.07 -4.25 4.92
N GLU B 21 15.80 -3.05 4.50
CA GLU B 21 14.66 -2.31 5.06
C GLU B 21 13.52 -2.29 4.00
N ALA B 22 12.26 -2.50 4.41
CA ALA B 22 11.18 -2.54 3.45
C ALA B 22 9.95 -1.93 4.08
N LEU B 23 9.07 -1.43 3.23
CA LEU B 23 7.87 -0.75 3.64
C LEU B 23 6.80 -1.78 3.85
N LEU B 24 6.23 -1.87 5.05
CA LEU B 24 5.01 -2.73 5.26
C LEU B 24 3.84 -2.18 4.46
N ASP B 25 3.41 -2.96 3.47
CA ASP B 25 2.57 -2.32 2.43
C ASP B 25 1.31 -3.13 2.18
N THR B 26 0.24 -2.78 2.86
CA THR B 26 -1.03 -3.53 2.72
C THR B 26 -1.67 -3.33 1.34
N GLY B 27 -1.22 -2.32 0.57
CA GLY B 27 -1.60 -2.19 -0.87
C GLY B 27 -0.86 -3.12 -1.86
N ALA B 28 0.22 -3.76 -1.42
CA ALA B 28 1.08 -4.58 -2.28
C ALA B 28 0.60 -6.02 -2.17
N ASP B 29 0.12 -6.61 -3.28
CA ASP B 29 -0.19 -8.04 -3.22
C ASP B 29 1.04 -8.88 -2.84
N ASN B 30 2.23 -8.54 -3.35
CA ASN B 30 3.39 -9.41 -3.10
C ASN B 30 4.60 -8.57 -2.70
N THR B 31 5.49 -9.19 -1.99
CA THR B 31 6.72 -8.51 -1.57
C THR B 31 7.66 -8.30 -2.77
N ILE B 32 8.31 -7.16 -2.84
CA ILE B 32 9.28 -6.85 -3.94
C ILE B 32 10.53 -6.23 -3.30
N PHE B 33 11.71 -6.73 -3.71
CA PHE B 33 12.99 -6.10 -3.34
C PHE B 33 13.74 -5.66 -4.59
N GLU B 34 14.52 -4.61 -4.44
CA GLU B 34 15.41 -4.21 -5.52
C GLU B 34 16.77 -4.78 -5.16
N ASP B 35 17.50 -5.20 -6.18
CA ASP B 35 18.90 -5.57 -6.00
C ASP B 35 19.19 -6.57 -4.86
N ILE B 36 18.67 -7.80 -4.99
CA ILE B 36 19.09 -8.88 -4.09
C ILE B 36 19.41 -10.14 -4.85
N ASN B 37 20.29 -10.96 -4.31
CA ASN B 37 20.66 -12.22 -4.96
C ASN B 37 20.03 -13.38 -4.23
N LEU B 38 19.18 -14.10 -4.96
CA LEU B 38 18.51 -15.28 -4.42
C LEU B 38 18.93 -16.44 -5.32
N PRO B 39 19.18 -17.64 -4.75
CA PRO B 39 19.71 -18.79 -5.52
C PRO B 39 18.76 -19.61 -6.46
N GLY B 40 17.48 -19.79 -6.17
CA GLY B 40 16.70 -20.77 -7.01
C GLY B 40 16.45 -20.32 -8.45
N ARG B 41 15.44 -20.89 -9.09
CA ARG B 41 15.08 -20.50 -10.43
C ARG B 41 14.03 -19.40 -10.25
N TRP B 42 13.86 -18.53 -11.24
CA TRP B 42 12.84 -17.50 -11.13
C TRP B 42 12.05 -17.55 -12.40
N LYS B 43 10.91 -16.84 -12.43
CA LYS B 43 10.02 -16.79 -13.55
C LYS B 43 9.72 -15.31 -13.76
N PRO B 44 9.64 -14.90 -15.02
CA PRO B 44 9.35 -13.50 -15.27
C PRO B 44 7.89 -13.15 -15.00
N LYS B 45 7.66 -12.03 -14.36
CA LYS B 45 6.31 -11.57 -14.06
CA LYS B 45 6.31 -11.57 -14.03
C LYS B 45 6.24 -10.06 -14.25
N MET B 46 5.02 -9.53 -14.27
CA MET B 46 4.83 -8.07 -14.26
C MET B 46 3.91 -7.65 -13.11
N VAL B 47 4.17 -6.49 -12.48
CA VAL B 47 3.24 -5.91 -11.45
C VAL B 47 2.84 -4.51 -11.91
N GLY B 48 1.59 -4.14 -11.65
CA GLY B 48 1.11 -2.79 -12.04
C GLY B 48 0.79 -1.96 -10.82
N GLY B 49 0.89 -0.65 -10.97
CA GLY B 49 0.46 0.26 -9.96
C GLY B 49 0.32 1.63 -10.56
N ILE B 50 0.41 2.65 -9.71
CA ILE B 50 0.46 4.04 -10.18
C ILE B 50 1.56 4.22 -11.22
N GLY B 51 1.23 4.75 -12.41
CA GLY B 51 2.25 5.09 -13.42
C GLY B 51 2.62 3.91 -14.30
N GLY B 52 2.00 2.74 -14.07
CA GLY B 52 2.20 1.63 -15.02
C GLY B 52 2.86 0.44 -14.41
N PHE B 53 3.54 -0.34 -15.24
CA PHE B 53 3.90 -1.71 -14.87
C PHE B 53 5.40 -1.81 -14.67
N LEU B 54 5.78 -2.85 -13.95
CA LEU B 54 7.17 -3.09 -13.68
C LEU B 54 7.46 -4.59 -13.95
N LYS B 55 8.53 -4.85 -14.71
CA LYS B 55 9.05 -6.19 -14.87
C LYS B 55 9.84 -6.65 -13.65
N VAL B 56 9.51 -7.84 -13.16
CA VAL B 56 10.21 -8.46 -12.04
C VAL B 56 10.55 -9.92 -12.26
N ARG B 57 11.47 -10.42 -11.46
CA ARG B 57 11.70 -11.88 -11.35
C ARG B 57 10.96 -12.43 -10.16
N GLU B 58 10.18 -13.48 -10.39
CA GLU B 58 9.43 -14.13 -9.30
C GLU B 58 10.18 -15.32 -8.80
N TYR B 59 10.54 -15.27 -7.52
CA TYR B 59 11.19 -16.41 -6.91
C TYR B 59 10.17 -16.98 -5.94
N ASP B 60 10.00 -18.30 -6.00
CA ASP B 60 8.95 -18.94 -5.19
C ASP B 60 9.58 -19.64 -4.00
N GLN B 61 8.79 -19.75 -2.92
CA GLN B 61 9.29 -20.44 -1.73
C GLN B 61 10.67 -19.95 -1.18
N VAL B 62 10.85 -18.63 -0.99
CA VAL B 62 12.04 -17.98 -0.45
C VAL B 62 11.92 -17.62 1.03
N PRO B 63 12.96 -17.86 1.82
CA PRO B 63 12.81 -17.47 3.20
C PRO B 63 13.04 -15.97 3.43
N ILE B 64 12.23 -15.39 4.30
CA ILE B 64 12.45 -14.01 4.76
C ILE B 64 12.38 -14.05 6.27
N GLU B 65 13.29 -13.38 6.97
CA GLU B 65 13.10 -13.25 8.46
C GLU B 65 12.50 -11.88 8.70
N ILE B 66 11.31 -11.84 9.29
CA ILE B 66 10.60 -10.62 9.52
C ILE B 66 9.97 -10.76 10.91
N ALA B 67 10.11 -9.69 11.69
CA ALA B 67 10.07 -9.79 13.14
C ALA B 67 11.03 -10.94 13.53
N GLY B 68 10.48 -11.88 14.28
CA GLY B 68 11.26 -13.06 14.71
C GLY B 68 10.95 -14.33 13.95
N HIS B 69 10.22 -14.22 12.84
CA HIS B 69 9.67 -15.42 12.20
C HIS B 69 10.30 -15.66 10.86
N LYS B 70 10.53 -16.94 10.52
CA LYS B 70 10.92 -17.35 9.18
C LYS B 70 9.65 -17.55 8.37
N VAL B 71 9.42 -16.66 7.40
CA VAL B 71 8.31 -16.80 6.50
C VAL B 71 8.87 -17.29 5.17
N ILE B 72 8.28 -18.36 4.61
CA ILE B 72 8.63 -18.87 3.25
C ILE B 72 7.47 -18.56 2.29
N GLY B 73 7.77 -17.88 1.17
CA GLY B 73 6.68 -17.36 0.33
C GLY B 73 7.31 -16.75 -0.92
N THR B 74 6.45 -16.17 -1.75
CA THR B 74 6.91 -15.58 -2.99
C THR B 74 7.61 -14.29 -2.72
N VAL B 75 8.77 -14.09 -3.39
CA VAL B 75 9.44 -12.80 -3.35
C VAL B 75 9.72 -12.37 -4.82
N LEU B 76 9.43 -11.11 -5.15
CA LEU B 76 9.65 -10.58 -6.49
C LEU B 76 10.87 -9.70 -6.37
N VAL B 77 11.63 -9.59 -7.44
CA VAL B 77 12.81 -8.81 -7.41
C VAL B 77 12.81 -7.93 -8.65
N GLY B 78 12.96 -6.62 -8.45
CA GLY B 78 13.02 -5.73 -9.61
C GLY B 78 13.27 -4.29 -9.17
N PRO B 79 13.39 -3.35 -10.12
CA PRO B 79 13.80 -1.97 -9.81
C PRO B 79 12.61 -1.12 -9.30
N THR B 80 12.04 -1.59 -8.18
CA THR B 80 11.08 -0.85 -7.40
C THR B 80 11.81 0.32 -6.71
N PRO B 81 11.17 1.49 -6.69
CA PRO B 81 11.73 2.65 -6.01
C PRO B 81 11.91 2.43 -4.50
N VAL B 82 11.13 1.50 -3.94
CA VAL B 82 11.21 1.22 -2.51
C VAL B 82 10.93 -0.27 -2.29
N ASN B 83 11.71 -0.94 -1.44
CA ASN B 83 11.40 -2.35 -1.15
C ASN B 83 10.07 -2.38 -0.41
N VAL B 84 9.19 -3.34 -0.72
CA VAL B 84 7.89 -3.45 0.00
C VAL B 84 7.60 -4.84 0.45
N ILE B 85 7.05 -4.96 1.66
CA ILE B 85 6.58 -6.25 2.15
C ILE B 85 5.07 -6.25 1.86
N GLY B 86 4.65 -7.19 1.05
CA GLY B 86 3.29 -7.25 0.59
C GLY B 86 2.39 -8.20 1.45
N ARG B 87 1.14 -8.30 1.04
CA ARG B 87 0.18 -9.17 1.79
C ARG B 87 0.59 -10.65 1.90
N ASP B 88 1.18 -11.18 0.81
CA ASP B 88 1.61 -12.58 0.80
C ASP B 88 2.54 -12.92 1.98
N THR B 89 3.42 -11.99 2.37
CA THR B 89 4.30 -12.19 3.48
C THR B 89 3.58 -11.81 4.80
N MET B 90 2.87 -10.66 4.80
CA MET B 90 2.22 -10.20 6.06
C MET B 90 1.20 -11.18 6.58
N THR B 91 0.45 -11.83 5.70
CA THR B 91 -0.50 -12.84 6.16
C THR B 91 0.19 -13.95 6.99
N GLN B 92 1.45 -14.26 6.66
CA GLN B 92 2.18 -15.40 7.30
C GLN B 92 2.66 -15.07 8.71
N ILE B 93 2.66 -13.78 9.07
CA ILE B 93 2.98 -13.38 10.45
C ILE B 93 1.72 -12.88 11.19
N GLY B 94 0.57 -12.99 10.56
CA GLY B 94 -0.73 -12.66 11.19
C GLY B 94 -0.90 -11.14 11.37
N ALA B 95 -0.38 -10.37 10.42
CA ALA B 95 -0.53 -8.92 10.48
C ALA B 95 -1.96 -8.50 10.21
N THR B 96 -2.40 -7.47 10.91
CA THR B 96 -3.78 -7.02 10.78
C THR B 96 -3.82 -5.53 10.78
N LEU B 97 -4.80 -4.96 10.10
CA LEU B 97 -5.09 -3.52 10.24
C LEU B 97 -6.23 -3.34 11.26
N ASN B 98 -6.08 -2.37 12.12
CA ASN B 98 -6.98 -2.21 13.26
C ASN B 98 -7.45 -0.79 13.27
N PHE B 99 -8.77 -0.62 13.30
CA PHE B 99 -9.35 0.74 13.25
C PHE B 99 -10.83 0.71 13.65
CL CL C . -13.14 27.96 -13.94
C1 478 D . 1.00 7.72 -3.55
C2 478 D . -0.76 6.16 -4.07
C3 478 D . 1.68 4.16 -3.96
C4 478 D . 0.76 6.35 -4.17
C5 478 D . 2.51 1.86 -3.51
C6 478 D . 1.37 0.91 -3.11
C7 478 D . 3.86 1.56 -2.82
C8 478 D . 4.92 2.50 -3.35
C9 478 D . 5.40 3.54 -2.52
C10 478 D . 5.44 2.35 -4.63
C11 478 D . 6.38 4.43 -3.01
C12 478 D . 6.41 3.23 -5.13
C13 478 D . 6.90 4.27 -4.32
C14 478 D . 1.52 -0.53 -3.62
C15 478 D . -0.20 -1.03 -5.33
C16 478 D . -1.34 -0.04 -5.01
C17 478 D . 2.58 -2.61 -5.91
C18 478 D . 3.51 -3.19 -5.02
C19 478 D . 3.68 -4.60 -4.90
C20 478 D . 2.96 -5.45 -5.73
C21 478 D . 2.04 -4.89 -6.63
C22 478 D . 1.86 -3.52 -6.72
C23 478 D . -1.26 1.24 -5.87
C24 478 D . -2.64 -0.80 -5.32
C25 478 D . -1.23 7.33 -3.16
N1 478 D . 2.15 3.23 -3.13
N2 478 D . 1.15 -0.46 -5.06
N3 478 D . 3.12 -6.82 -5.65
O1 478 D . 1.40 5.42 -3.30
O2 478 D . 1.49 4.03 -5.13
O3 478 D . 1.23 0.90 -1.71
O4 478 D . 3.63 -0.34 -5.57
O5 478 D . 1.98 -0.54 -7.27
O6 478 D . -0.03 7.84 -2.58
S1 478 D . 2.40 -0.97 -6.00
C1 478 E . 21.28 -4.81 -19.45
C2 478 E . 21.74 -6.38 -17.65
C3 478 E . 18.47 -6.36 -17.70
C4 478 E . 20.68 -5.45 -18.21
C5 478 E . 16.19 -5.71 -17.07
C6 478 E . 15.01 -6.29 -17.87
C7 478 E . 15.93 -4.33 -16.45
C8 478 E . 16.89 -4.14 -15.30
C9 478 E . 18.28 -4.08 -15.50
C10 478 E . 16.39 -4.02 -14.00
C11 478 E . 19.16 -3.92 -14.43
C12 478 E . 17.27 -3.86 -12.93
C13 478 E . 18.65 -3.81 -13.13
C14 478 E . 13.88 -6.94 -17.03
C15 478 E . 15.03 -7.91 -14.95
C16 478 E . 14.23 -7.63 -13.67
C17 478 E . 12.51 -9.72 -17.09
C18 478 E . 11.63 -10.00 -16.04
C19 478 E . 10.25 -10.03 -16.24
C20 478 E . 9.72 -9.80 -17.47
C21 478 E . 10.60 -9.53 -18.52
C22 478 E . 11.99 -9.45 -18.34
C23 478 E . 15.03 -7.81 -12.38
C24 478 E . 13.63 -6.24 -13.75
C25 478 E . 22.94 -6.20 -18.56
N1 478 E . 17.39 -5.60 -17.87
N2 478 E . 14.07 -8.11 -16.07
N3 478 E . 8.37 -9.85 -17.65
O1 478 E . 19.58 -6.22 -18.63
O2 478 E . 18.56 -7.19 -16.80
O3 478 E . 14.41 -5.26 -18.68
O4 478 E . 14.56 -10.54 -15.75
O5 478 E . 15.00 -9.64 -17.86
O6 478 E . 22.52 -5.47 -19.71
S1 478 E . 14.08 -9.63 -16.73
CL CL F . 17.65 -1.79 2.19
CL CL G . 16.20 -9.85 -16.97
#